data_7EHJ
#
_entry.id   7EHJ
#
_cell.length_a   115.056
_cell.length_b   115.056
_cell.length_c   113.559
_cell.angle_alpha   90.000
_cell.angle_beta   90.000
_cell.angle_gamma   120.000
#
_symmetry.space_group_name_H-M   'P 65'
#
loop_
_entity.id
_entity.type
_entity.pdbx_description
1 polymer 'Bifunctional methylenetetrahydrofolate dehydrogenase/cyclohydrolase, mitochondrial'
2 non-polymer '(2S)-2-[[4-[(4-azanyl-6-oxidanyl-pyrimidin-5-yl)carbamoylamino]phenyl]carbonylamino]pentanedioic acid'
3 non-polymer NICOTINAMIDE-ADENINE-DINUCLEOTIDE
4 non-polymer 'PHOSPHATE ION'
5 water water
#
_entity_poly.entity_id   1
_entity_poly.type   'polypeptide(L)'
_entity_poly.pdbx_seq_one_letter_code
;EAVVISGRKLAQQIKQEVRQEVEEWVASGNKRPHLSVILVGENPASHSYVLNKTRAAAVVGINSETIMKPASISEEELLN
LINKLNNDDNVDGLLVQLPLPEHIDERRICNAVSPDKDVDGFHVINVGRMCLDQYSMLPATPWGVWEIIKRTGIPTLGKN
VVVAGRSKNVGMPIAMLLHTDGAHERPGGDATVTISHRYTPKEQLKKHTILADIVISAAGIPNLITADMIKEGAAVIDVG
INRVHDPVTAKPKLVGDVDFEGVRQKAGYITPVPGGVGPMTVAMLMKNTIIAAKKVLRLEEREVLKSKELGVATN
;
_entity_poly.pdbx_strand_id   A,B
#
# COMPACT_ATOMS: atom_id res chain seq x y z
N GLU A 1 -15.15 24.18 21.84
CA GLU A 1 -15.97 23.10 21.29
C GLU A 1 -15.70 22.84 19.79
N ALA A 2 -15.82 21.59 19.36
CA ALA A 2 -15.47 21.21 17.99
C ALA A 2 -16.47 21.75 16.97
N VAL A 3 -15.95 22.23 15.84
CA VAL A 3 -16.77 22.34 14.64
C VAL A 3 -17.23 20.95 14.22
N VAL A 4 -18.52 20.81 14.00
CA VAL A 4 -19.05 19.57 13.44
C VAL A 4 -19.14 19.75 11.93
N ILE A 5 -18.42 18.90 11.19
CA ILE A 5 -18.37 18.99 9.74
C ILE A 5 -19.56 18.22 9.21
N SER A 6 -20.41 18.86 8.42
CA SER A 6 -21.52 18.15 7.80
C SER A 6 -21.02 17.48 6.53
N GLY A 7 -20.88 16.15 6.57
CA GLY A 7 -20.56 15.43 5.34
C GLY A 7 -21.71 15.46 4.37
N ARG A 8 -22.93 15.51 4.90
CA ARG A 8 -24.12 15.64 4.09
C ARG A 8 -24.09 16.93 3.27
N LYS A 9 -23.74 18.05 3.91
CA LYS A 9 -23.70 19.33 3.20
C LYS A 9 -22.56 19.38 2.19
N LEU A 10 -21.37 18.90 2.59
CA LEU A 10 -20.27 18.89 1.65
C LEU A 10 -20.58 17.99 0.46
N ALA A 11 -21.20 16.83 0.72
CA ALA A 11 -21.52 15.91 -0.38
C ALA A 11 -22.52 16.52 -1.35
N GLN A 12 -23.55 17.20 -0.83
CA GLN A 12 -24.51 17.86 -1.70
C GLN A 12 -23.82 18.90 -2.59
N GLN A 13 -22.87 19.64 -2.04
CA GLN A 13 -22.14 20.60 -2.87
C GLN A 13 -21.39 19.87 -3.99
N ILE A 14 -20.71 18.77 -3.64
CA ILE A 14 -19.94 18.05 -4.63
C ILE A 14 -20.84 17.49 -5.70
N LYS A 15 -22.03 17.01 -5.31
CA LYS A 15 -22.98 16.51 -6.29
C LYS A 15 -23.43 17.63 -7.23
N GLN A 16 -23.60 18.85 -6.72
CA GLN A 16 -23.90 19.98 -7.61
C GLN A 16 -22.79 20.17 -8.63
N GLU A 17 -21.53 20.10 -8.18
CA GLU A 17 -20.43 20.16 -9.13
C GLU A 17 -20.52 19.06 -10.18
N VAL A 18 -20.87 17.83 -9.77
CA VAL A 18 -20.93 16.74 -10.74
C VAL A 18 -22.09 16.96 -11.70
N ARG A 19 -23.23 17.40 -11.19
CA ARG A 19 -24.37 17.64 -12.06
C ARG A 19 -24.01 18.59 -13.20
N GLN A 20 -23.29 19.66 -12.87
CA GLN A 20 -22.92 20.66 -13.89
C GLN A 20 -21.96 20.06 -14.91
N GLU A 21 -21.00 19.27 -14.45
CA GLU A 21 -20.06 18.63 -15.35
C GLU A 21 -20.78 17.65 -16.28
N VAL A 22 -21.73 16.89 -15.73
CA VAL A 22 -22.50 15.96 -16.53
C VAL A 22 -23.33 16.71 -17.57
N GLU A 23 -23.99 17.79 -17.16
CA GLU A 23 -24.85 18.53 -18.09
C GLU A 23 -24.04 19.14 -19.24
N GLU A 24 -22.86 19.68 -18.95
CA GLU A 24 -22.02 20.23 -20.01
C GLU A 24 -21.41 19.13 -20.87
N TRP A 25 -21.22 17.94 -20.30
CA TRP A 25 -20.77 16.80 -21.11
C TRP A 25 -21.87 16.35 -22.08
N VAL A 26 -23.12 16.34 -21.62
CA VAL A 26 -24.20 15.92 -22.51
C VAL A 26 -24.48 17.00 -23.56
N ALA A 27 -24.52 18.28 -23.13
CA ALA A 27 -24.73 19.38 -24.07
C ALA A 27 -23.65 19.43 -25.14
N SER A 28 -22.45 18.97 -24.83
CA SER A 28 -21.43 18.89 -25.86
C SER A 28 -21.69 17.78 -26.86
N GLY A 29 -22.81 17.06 -26.77
CA GLY A 29 -23.10 16.00 -27.71
C GLY A 29 -22.63 14.62 -27.31
N ASN A 30 -22.30 14.41 -26.05
CA ASN A 30 -21.86 13.11 -25.56
C ASN A 30 -23.02 12.32 -24.96
N LYS A 31 -22.89 11.00 -24.97
CA LYS A 31 -23.87 10.13 -24.34
C LYS A 31 -23.99 10.47 -22.86
N ARG A 32 -25.21 10.44 -22.34
CA ARG A 32 -25.37 10.60 -20.91
C ARG A 32 -24.71 9.43 -20.17
N PRO A 33 -23.97 9.68 -19.08
CA PRO A 33 -23.28 8.59 -18.38
C PRO A 33 -24.27 7.62 -17.76
N HIS A 34 -23.84 6.36 -17.63
CA HIS A 34 -24.67 5.32 -17.04
C HIS A 34 -23.86 4.50 -16.04
N LEU A 35 -24.41 4.32 -14.84
CA LEU A 35 -23.77 3.56 -13.78
C LEU A 35 -24.57 2.29 -13.53
N SER A 36 -23.90 1.14 -13.54
CA SER A 36 -24.52 -0.13 -13.18
C SER A 36 -23.97 -0.61 -11.84
N VAL A 37 -24.87 -0.90 -10.91
CA VAL A 37 -24.51 -1.43 -9.59
C VAL A 37 -25.07 -2.85 -9.48
N ILE A 38 -24.22 -3.79 -9.11
CA ILE A 38 -24.63 -5.19 -8.90
C ILE A 38 -24.77 -5.41 -7.41
N LEU A 39 -25.97 -5.78 -6.97
CA LEU A 39 -26.24 -6.07 -5.57
C LEU A 39 -26.57 -7.57 -5.43
N VAL A 40 -25.84 -8.26 -4.56
CA VAL A 40 -25.99 -9.70 -4.34
C VAL A 40 -26.53 -9.93 -2.93
N GLY A 41 -27.66 -10.63 -2.80
CA GLY A 41 -28.15 -10.97 -1.46
C GLY A 41 -29.01 -9.87 -0.86
N GLU A 42 -29.23 -9.95 0.46
CA GLU A 42 -30.18 -9.05 1.10
C GLU A 42 -29.63 -8.38 2.35
N ASN A 43 -28.33 -8.15 2.41
CA ASN A 43 -27.81 -7.39 3.54
C ASN A 43 -28.50 -6.02 3.53
N PRO A 44 -29.26 -5.67 4.57
CA PRO A 44 -30.10 -4.46 4.46
C PRO A 44 -29.26 -3.18 4.48
N ALA A 45 -28.08 -3.20 5.10
CA ALA A 45 -27.19 -2.06 5.01
C ALA A 45 -26.68 -1.88 3.58
N SER A 46 -26.36 -2.98 2.90
CA SER A 46 -25.96 -2.89 1.50
C SER A 46 -27.08 -2.31 0.63
N HIS A 47 -28.32 -2.72 0.89
CA HIS A 47 -29.44 -2.20 0.11
C HIS A 47 -29.63 -0.69 0.34
N SER A 48 -29.59 -0.27 1.58
CA SER A 48 -29.66 1.16 1.92
C SER A 48 -28.58 1.94 1.17
N TYR A 49 -27.32 1.47 1.26
CA TYR A 49 -26.21 2.19 0.65
C TYR A 49 -26.37 2.25 -0.87
N VAL A 50 -26.81 1.15 -1.49
CA VAL A 50 -26.93 1.15 -2.94
C VAL A 50 -28.06 2.06 -3.38
N LEU A 51 -29.15 2.09 -2.61
CA LEU A 51 -30.26 2.98 -2.93
C LEU A 51 -29.80 4.45 -2.87
N ASN A 52 -28.96 4.77 -1.87
CA ASN A 52 -28.38 6.10 -1.80
C ASN A 52 -27.52 6.40 -3.01
N LYS A 53 -26.81 5.40 -3.54
CA LYS A 53 -25.97 5.63 -4.71
C LYS A 53 -26.82 5.93 -5.93
N THR A 54 -27.89 5.17 -6.15
CA THR A 54 -28.70 5.38 -7.35
C THR A 54 -29.55 6.64 -7.24
N ARG A 55 -30.01 6.99 -6.03
CA ARG A 55 -30.60 8.32 -5.79
C ARG A 55 -29.63 9.40 -6.24
N ALA A 56 -28.39 9.35 -5.74
CA ALA A 56 -27.44 10.40 -6.05
C ALA A 56 -27.19 10.46 -7.53
N ALA A 57 -27.13 9.30 -8.19
CA ALA A 57 -26.96 9.31 -9.64
C ALA A 57 -28.10 10.10 -10.30
N ALA A 58 -29.34 9.89 -9.85
CA ALA A 58 -30.45 10.58 -10.49
C ALA A 58 -30.33 12.09 -10.27
N VAL A 59 -30.03 12.50 -9.04
CA VAL A 59 -29.77 13.91 -8.72
C VAL A 59 -28.75 14.55 -9.68
N VAL A 60 -27.68 13.84 -10.03
CA VAL A 60 -26.64 14.47 -10.83
C VAL A 60 -26.80 14.18 -12.32
N GLY A 61 -27.94 13.61 -12.73
CA GLY A 61 -28.14 13.38 -14.14
C GLY A 61 -27.44 12.18 -14.73
N ILE A 62 -27.03 11.21 -13.91
CA ILE A 62 -26.39 10.00 -14.42
C ILE A 62 -27.45 8.91 -14.45
N ASN A 63 -27.59 8.25 -15.59
CA ASN A 63 -28.52 7.12 -15.65
C ASN A 63 -27.98 5.98 -14.82
N SER A 64 -28.87 5.20 -14.20
CA SER A 64 -28.38 4.10 -13.34
C SER A 64 -29.36 2.94 -13.34
N GLU A 65 -28.83 1.79 -12.91
CA GLU A 65 -29.66 0.64 -12.58
C GLU A 65 -28.97 -0.15 -11.49
N THR A 66 -29.78 -0.73 -10.61
CA THR A 66 -29.31 -1.73 -9.69
C THR A 66 -29.76 -3.08 -10.21
N ILE A 67 -28.81 -3.99 -10.38
CA ILE A 67 -29.12 -5.38 -10.73
C ILE A 67 -28.98 -6.20 -9.47
N MET A 68 -30.12 -6.67 -8.96
CA MET A 68 -30.15 -7.44 -7.73
C MET A 68 -30.22 -8.93 -8.05
N LYS A 69 -29.41 -9.72 -7.34
CA LYS A 69 -29.25 -11.16 -7.60
C LYS A 69 -29.25 -11.87 -6.25
N PRO A 70 -29.81 -13.07 -6.18
CA PRO A 70 -29.81 -13.81 -4.91
C PRO A 70 -28.41 -14.19 -4.49
N ALA A 71 -28.24 -14.33 -3.17
CA ALA A 71 -26.97 -14.78 -2.63
C ALA A 71 -26.53 -16.13 -3.17
N SER A 72 -27.46 -16.93 -3.69
CA SER A 72 -27.12 -18.29 -4.11
C SER A 72 -26.52 -18.33 -5.51
N ILE A 73 -26.43 -17.19 -6.19
CA ILE A 73 -25.72 -17.15 -7.48
C ILE A 73 -24.30 -17.71 -7.33
N SER A 74 -23.81 -18.35 -8.38
CA SER A 74 -22.44 -18.82 -8.41
C SER A 74 -21.49 -17.74 -8.90
N GLU A 75 -20.21 -17.94 -8.58
CA GLU A 75 -19.15 -17.06 -9.08
C GLU A 75 -19.17 -16.94 -10.59
N GLU A 76 -19.31 -18.07 -11.30
CA GLU A 76 -19.25 -17.97 -12.76
C GLU A 76 -20.41 -17.16 -13.33
N GLU A 77 -21.57 -17.17 -12.68
CA GLU A 77 -22.71 -16.40 -13.19
C GLU A 77 -22.53 -14.91 -12.92
N LEU A 78 -21.95 -14.56 -11.77
CA LEU A 78 -21.56 -13.19 -11.53
C LEU A 78 -20.56 -12.73 -12.59
N LEU A 79 -19.56 -13.57 -12.88
CA LEU A 79 -18.55 -13.22 -13.87
C LEU A 79 -19.18 -13.05 -15.25
N ASN A 80 -20.14 -13.91 -15.61
CA ASN A 80 -20.78 -13.76 -16.91
C ASN A 80 -21.56 -12.44 -16.99
N LEU A 81 -22.24 -12.07 -15.92
CA LEU A 81 -22.95 -10.80 -15.91
C LEU A 81 -21.96 -9.64 -16.02
N ILE A 82 -20.87 -9.71 -15.26
CA ILE A 82 -19.87 -8.64 -15.31
C ILE A 82 -19.30 -8.52 -16.71
N ASN A 83 -19.05 -9.66 -17.37
CA ASN A 83 -18.51 -9.63 -18.73
C ASN A 83 -19.50 -8.97 -19.69
N LYS A 84 -20.80 -9.23 -19.52
CA LYS A 84 -21.77 -8.58 -20.40
C LYS A 84 -21.72 -7.06 -20.22
N LEU A 85 -21.69 -6.61 -18.96
CA LEU A 85 -21.63 -5.18 -18.69
C LEU A 85 -20.31 -4.56 -19.16
N ASN A 86 -19.21 -5.31 -19.09
CA ASN A 86 -17.94 -4.80 -19.60
C ASN A 86 -18.01 -4.50 -21.10
N ASN A 87 -18.76 -5.30 -21.85
CA ASN A 87 -18.83 -5.16 -23.30
C ASN A 87 -20.00 -4.29 -23.77
N ASP A 88 -20.83 -3.80 -22.86
CA ASP A 88 -21.96 -2.95 -23.23
C ASP A 88 -21.50 -1.49 -23.21
N ASP A 89 -21.40 -0.88 -24.40
CA ASP A 89 -20.87 0.47 -24.52
C ASP A 89 -21.73 1.53 -23.85
N ASN A 90 -22.98 1.22 -23.50
CA ASN A 90 -23.77 2.18 -22.75
C ASN A 90 -23.36 2.26 -21.28
N VAL A 91 -22.69 1.24 -20.74
CA VAL A 91 -22.32 1.21 -19.33
C VAL A 91 -20.96 1.89 -19.19
N ASP A 92 -20.93 3.02 -18.51
CA ASP A 92 -19.67 3.71 -18.26
C ASP A 92 -19.01 3.26 -16.98
N GLY A 93 -19.79 3.10 -15.93
CA GLY A 93 -19.29 2.71 -14.62
C GLY A 93 -19.97 1.44 -14.19
N LEU A 94 -19.18 0.53 -13.62
CA LEU A 94 -19.71 -0.72 -13.10
C LEU A 94 -19.12 -0.94 -11.72
N LEU A 95 -19.96 -1.18 -10.73
CA LEU A 95 -19.43 -1.60 -9.44
C LEU A 95 -20.25 -2.74 -8.85
N VAL A 96 -19.59 -3.55 -8.03
CA VAL A 96 -20.23 -4.66 -7.31
C VAL A 96 -20.26 -4.29 -5.85
N GLN A 97 -21.45 -4.19 -5.26
CA GLN A 97 -21.52 -3.86 -3.85
C GLN A 97 -20.98 -5.01 -3.02
N LEU A 98 -20.15 -4.68 -2.01
CA LEU A 98 -19.51 -5.62 -1.11
C LEU A 98 -20.14 -5.52 0.28
N PRO A 99 -20.06 -6.60 1.12
CA PRO A 99 -19.41 -7.90 0.87
C PRO A 99 -20.23 -8.85 0.02
N LEU A 100 -19.55 -9.80 -0.60
CA LEU A 100 -20.19 -10.85 -1.36
C LEU A 100 -20.28 -12.11 -0.50
N PRO A 101 -21.09 -13.10 -0.90
CA PRO A 101 -21.14 -14.36 -0.13
C PRO A 101 -19.81 -15.12 -0.17
N GLU A 102 -19.63 -15.99 0.83
CA GLU A 102 -18.36 -16.70 1.00
C GLU A 102 -17.98 -17.54 -0.22
N HIS A 103 -18.94 -18.08 -0.95
CA HIS A 103 -18.57 -18.85 -2.13
C HIS A 103 -18.13 -18.00 -3.33
N ILE A 104 -18.09 -16.67 -3.21
CA ILE A 104 -17.66 -15.79 -4.31
C ILE A 104 -16.36 -15.12 -3.90
N ASP A 105 -15.33 -15.22 -4.74
CA ASP A 105 -14.05 -14.58 -4.40
C ASP A 105 -14.13 -13.10 -4.77
N GLU A 106 -14.17 -12.23 -3.75
CA GLU A 106 -14.29 -10.80 -3.97
C GLU A 106 -13.19 -10.30 -4.88
N ARG A 107 -11.99 -10.85 -4.74
CA ARG A 107 -10.85 -10.32 -5.46
C ARG A 107 -10.95 -10.68 -6.94
N ARG A 108 -11.29 -11.94 -7.24
CA ARG A 108 -11.54 -12.30 -8.64
C ARG A 108 -12.65 -11.44 -9.25
N ILE A 109 -13.73 -11.19 -8.50
CA ILE A 109 -14.85 -10.38 -9.00
C ILE A 109 -14.39 -8.95 -9.27
N CYS A 110 -13.69 -8.33 -8.32
CA CYS A 110 -13.22 -6.96 -8.54
C CYS A 110 -12.26 -6.88 -9.72
N ASN A 111 -11.41 -7.90 -9.91
CA ASN A 111 -10.47 -7.91 -11.03
C ASN A 111 -11.16 -8.18 -12.36
N ALA A 112 -12.41 -8.61 -12.33
CA ALA A 112 -13.12 -8.89 -13.57
C ALA A 112 -13.80 -7.64 -14.12
N VAL A 113 -14.02 -6.63 -13.28
CA VAL A 113 -14.54 -5.35 -13.76
C VAL A 113 -13.48 -4.69 -14.65
N SER A 114 -13.86 -4.35 -15.87
CA SER A 114 -12.94 -3.63 -16.73
C SER A 114 -12.33 -2.44 -16.00
N PRO A 115 -11.01 -2.28 -16.00
CA PRO A 115 -10.40 -1.18 -15.22
C PRO A 115 -10.90 0.18 -15.64
N ASP A 116 -11.35 0.35 -16.88
CA ASP A 116 -11.85 1.66 -17.31
C ASP A 116 -13.20 1.98 -16.69
N LYS A 117 -14.00 0.96 -16.36
CA LYS A 117 -15.31 1.15 -15.77
C LYS A 117 -15.29 0.95 -14.27
N ASP A 118 -14.11 0.73 -13.68
CA ASP A 118 -13.95 0.35 -12.28
C ASP A 118 -14.07 1.60 -11.43
N VAL A 119 -15.31 2.07 -11.28
CA VAL A 119 -15.52 3.32 -10.53
C VAL A 119 -15.29 3.16 -9.04
N ASP A 120 -15.21 1.92 -8.53
CA ASP A 120 -14.84 1.74 -7.12
C ASP A 120 -13.33 1.71 -6.90
N GLY A 121 -12.54 1.60 -7.95
CA GLY A 121 -11.10 1.57 -7.79
C GLY A 121 -10.58 0.32 -7.13
N PHE A 122 -11.29 -0.80 -7.24
CA PHE A 122 -10.86 -2.02 -6.55
C PHE A 122 -10.06 -2.97 -7.43
N HIS A 123 -10.04 -2.76 -8.75
CA HIS A 123 -9.23 -3.60 -9.62
C HIS A 123 -7.76 -3.50 -9.21
N VAL A 124 -7.04 -4.63 -9.26
CA VAL A 124 -5.67 -4.68 -8.75
C VAL A 124 -4.76 -3.66 -9.45
N ILE A 125 -4.99 -3.39 -10.73
CA ILE A 125 -4.20 -2.37 -11.42
C ILE A 125 -4.41 -0.99 -10.80
N ASN A 126 -5.67 -0.65 -10.49
CA ASN A 126 -5.96 0.60 -9.81
C ASN A 126 -5.40 0.64 -8.41
N VAL A 127 -5.38 -0.50 -7.71
CA VAL A 127 -4.76 -0.55 -6.39
C VAL A 127 -3.27 -0.32 -6.50
N GLY A 128 -2.62 -1.07 -7.40
CA GLY A 128 -1.19 -0.88 -7.60
C GLY A 128 -0.86 0.54 -8.00
N ARG A 129 -1.63 1.10 -8.92
CA ARG A 129 -1.36 2.47 -9.37
C ARG A 129 -1.52 3.46 -8.21
N MET A 130 -2.55 3.27 -7.37
CA MET A 130 -2.71 4.15 -6.23
C MET A 130 -1.54 4.01 -5.26
N CYS A 131 -1.09 2.76 -5.04
CA CYS A 131 0.01 2.54 -4.11
C CYS A 131 1.34 3.08 -4.64
N LEU A 132 1.44 3.34 -5.93
CA LEU A 132 2.61 3.99 -6.55
C LEU A 132 2.41 5.50 -6.76
N ASP A 133 1.34 6.09 -6.23
CA ASP A 133 1.06 7.53 -6.38
C ASP A 133 0.91 7.94 -7.85
N GLN A 134 0.42 7.03 -8.69
CA GLN A 134 0.08 7.36 -10.07
C GLN A 134 -1.39 7.76 -10.15
N TYR A 135 -1.75 8.43 -11.26
CA TYR A 135 -3.16 8.73 -11.52
C TYR A 135 -3.95 7.44 -11.46
N SER A 136 -5.09 7.48 -10.79
CA SER A 136 -5.87 6.27 -10.65
C SER A 136 -7.28 6.66 -10.28
N MET A 137 -8.19 5.72 -10.48
CA MET A 137 -9.55 5.81 -9.98
C MET A 137 -9.50 5.56 -8.48
N LEU A 138 -9.74 6.59 -7.65
CA LEU A 138 -9.57 6.37 -6.21
C LEU A 138 -10.84 5.76 -5.60
N PRO A 139 -10.72 4.84 -4.64
CA PRO A 139 -11.91 4.32 -3.98
C PRO A 139 -12.67 5.43 -3.24
N ALA A 140 -13.99 5.29 -3.21
CA ALA A 140 -14.90 6.40 -2.87
C ALA A 140 -14.76 6.83 -1.42
N THR A 141 -14.75 5.86 -0.49
CA THR A 141 -14.71 6.23 0.93
C THR A 141 -13.39 6.89 1.31
N PRO A 142 -12.20 6.32 1.01
CA PRO A 142 -10.95 7.06 1.27
C PRO A 142 -10.90 8.44 0.62
N TRP A 143 -11.30 8.54 -0.66
CA TRP A 143 -11.33 9.84 -1.33
C TRP A 143 -12.27 10.81 -0.63
N GLY A 144 -13.44 10.33 -0.19
CA GLY A 144 -14.30 11.18 0.63
C GLY A 144 -13.65 11.65 1.92
N VAL A 145 -12.88 10.77 2.58
CA VAL A 145 -12.15 11.21 3.79
C VAL A 145 -11.14 12.29 3.42
N TRP A 146 -10.43 12.10 2.31
CA TRP A 146 -9.46 13.11 1.88
C TRP A 146 -10.17 14.43 1.58
N GLU A 147 -11.36 14.38 0.94
CA GLU A 147 -12.04 15.62 0.58
C GLU A 147 -12.57 16.35 1.81
N ILE A 148 -13.02 15.61 2.83
CA ILE A 148 -13.46 16.25 4.07
C ILE A 148 -12.32 17.08 4.65
N ILE A 149 -11.14 16.49 4.72
CA ILE A 149 -9.98 17.18 5.28
C ILE A 149 -9.58 18.36 4.40
N LYS A 150 -9.50 18.13 3.09
CA LYS A 150 -8.97 19.18 2.22
C LYS A 150 -9.96 20.33 2.09
N ARG A 151 -11.25 20.04 1.90
CA ARG A 151 -12.19 21.15 1.73
C ARG A 151 -12.45 21.91 3.03
N THR A 152 -12.19 21.30 4.18
CA THR A 152 -12.23 22.03 5.43
C THR A 152 -10.94 22.80 5.72
N GLY A 153 -9.88 22.55 4.97
CA GLY A 153 -8.65 23.27 5.21
C GLY A 153 -7.84 22.78 6.40
N ILE A 154 -8.08 21.55 6.86
CA ILE A 154 -7.31 20.95 7.95
C ILE A 154 -5.95 20.57 7.38
N PRO A 155 -4.84 21.08 7.90
CA PRO A 155 -3.55 20.76 7.30
C PRO A 155 -3.06 19.34 7.60
N THR A 156 -2.30 18.81 6.64
CA THR A 156 -1.73 17.47 6.76
C THR A 156 -0.21 17.39 6.70
N LEU A 157 0.46 18.29 5.97
CA LEU A 157 1.90 18.14 5.78
C LEU A 157 2.64 18.29 7.11
N GLY A 158 3.47 17.29 7.43
CA GLY A 158 4.20 17.25 8.68
C GLY A 158 3.35 16.94 9.88
N LYS A 159 2.06 16.71 9.70
CA LYS A 159 1.17 16.48 10.83
C LYS A 159 1.14 15.01 11.21
N ASN A 160 0.77 14.74 12.46
CA ASN A 160 0.63 13.36 12.93
C ASN A 160 -0.79 12.88 12.68
N VAL A 161 -0.93 11.73 12.04
CA VAL A 161 -2.23 11.16 11.73
C VAL A 161 -2.23 9.73 12.19
N VAL A 162 -3.31 9.32 12.84
CA VAL A 162 -3.52 7.93 13.20
C VAL A 162 -4.75 7.46 12.43
N VAL A 163 -4.63 6.32 11.77
CA VAL A 163 -5.75 5.63 11.16
C VAL A 163 -5.97 4.34 11.95
N ALA A 164 -7.18 4.15 12.46
CA ALA A 164 -7.54 2.89 13.12
C ALA A 164 -8.29 2.03 12.11
N GLY A 165 -7.67 0.92 11.73
CA GLY A 165 -8.27 0.03 10.76
C GLY A 165 -7.36 -0.09 9.56
N ARG A 166 -7.34 -1.25 8.90
CA ARG A 166 -6.37 -1.52 7.84
C ARG A 166 -7.02 -2.27 6.69
N SER A 167 -8.34 -2.25 6.61
CA SER A 167 -8.98 -2.98 5.53
C SER A 167 -8.52 -2.44 4.17
N LYS A 168 -8.48 -3.34 3.19
CA LYS A 168 -7.94 -2.98 1.89
C LYS A 168 -8.80 -1.95 1.18
N ASN A 169 -10.08 -1.88 1.51
CA ASN A 169 -11.02 -1.01 0.80
C ASN A 169 -11.14 0.36 1.44
N VAL A 170 -10.79 0.49 2.74
CA VAL A 170 -10.96 1.72 3.48
C VAL A 170 -9.69 2.18 4.17
N GLY A 171 -9.29 1.47 5.22
CA GLY A 171 -8.21 2.00 6.05
C GLY A 171 -6.87 2.07 5.35
N MET A 172 -6.52 1.04 4.57
CA MET A 172 -5.24 1.06 3.86
C MET A 172 -5.16 2.18 2.83
N PRO A 173 -6.14 2.35 1.93
CA PRO A 173 -6.06 3.51 1.02
C PRO A 173 -6.03 4.84 1.76
N ILE A 174 -6.75 4.98 2.89
CA ILE A 174 -6.69 6.24 3.63
C ILE A 174 -5.27 6.52 4.12
N ALA A 175 -4.59 5.50 4.66
CA ALA A 175 -3.21 5.66 5.12
C ALA A 175 -2.27 5.97 3.96
N MET A 176 -2.45 5.28 2.82
CA MET A 176 -1.68 5.58 1.59
C MET A 176 -1.84 7.04 1.17
N LEU A 177 -3.08 7.52 1.04
CA LEU A 177 -3.28 8.89 0.59
C LEU A 177 -2.66 9.89 1.56
N LEU A 178 -2.80 9.65 2.86
CA LEU A 178 -2.40 10.69 3.78
C LEU A 178 -0.88 10.81 3.94
N HIS A 179 -0.11 9.73 3.75
CA HIS A 179 1.33 9.81 4.04
C HIS A 179 2.19 10.11 2.84
N THR A 180 1.63 10.11 1.63
CA THR A 180 2.46 10.11 0.43
C THR A 180 2.72 11.52 -0.08
N ASP A 181 3.60 11.58 -1.08
CA ASP A 181 4.23 12.84 -1.47
C ASP A 181 3.23 13.78 -2.14
N GLY A 182 3.15 15.02 -1.65
CA GLY A 182 2.33 16.00 -2.32
C GLY A 182 2.76 16.30 -3.75
N ALA A 183 4.00 15.96 -4.11
CA ALA A 183 4.53 16.32 -5.41
C ALA A 183 4.35 15.23 -6.48
N HIS A 184 3.92 14.03 -6.10
CA HIS A 184 3.77 12.94 -7.06
C HIS A 184 2.51 13.16 -7.92
N GLU A 185 2.37 12.33 -8.97
CA GLU A 185 1.28 12.52 -9.95
C GLU A 185 -0.07 12.60 -9.27
N ARG A 186 -0.39 11.62 -8.41
CA ARG A 186 -1.53 11.74 -7.53
C ARG A 186 -0.98 12.23 -6.22
N PRO A 187 -1.22 13.47 -5.82
CA PRO A 187 -0.59 13.99 -4.60
C PRO A 187 -1.09 13.24 -3.39
N GLY A 188 -0.23 13.16 -2.38
CA GLY A 188 -0.61 12.68 -1.07
C GLY A 188 -0.58 13.80 -0.06
N GLY A 189 -0.81 13.42 1.21
CA GLY A 189 -0.94 14.39 2.28
C GLY A 189 0.34 14.75 3.03
N ASP A 190 1.42 14.00 2.87
CA ASP A 190 2.71 14.30 3.50
C ASP A 190 2.62 14.29 5.02
N ALA A 191 1.64 13.58 5.55
CA ALA A 191 1.51 13.40 6.98
C ALA A 191 2.34 12.19 7.47
N THR A 192 2.60 12.18 8.77
CA THR A 192 3.21 11.05 9.45
C THR A 192 2.09 10.16 9.96
N VAL A 193 1.97 8.97 9.39
CA VAL A 193 0.74 8.18 9.55
C VAL A 193 1.04 6.92 10.36
N THR A 194 0.26 6.71 11.42
CA THR A 194 0.30 5.47 12.17
C THR A 194 -0.90 4.62 11.78
N ILE A 195 -0.66 3.37 11.45
CA ILE A 195 -1.70 2.40 11.12
C ILE A 195 -1.91 1.49 12.34
N SER A 196 -3.13 1.45 12.86
CA SER A 196 -3.48 0.55 13.95
C SER A 196 -4.61 -0.39 13.50
N HIS A 197 -4.85 -1.44 14.28
CA HIS A 197 -5.76 -2.48 13.80
C HIS A 197 -6.19 -3.34 15.00
N ARG A 198 -6.81 -4.48 14.71
CA ARG A 198 -7.36 -5.35 15.73
C ARG A 198 -6.34 -5.92 16.71
N TYR A 199 -5.03 -5.84 16.44
CA TYR A 199 -4.02 -6.32 17.39
C TYR A 199 -3.26 -5.21 18.08
N THR A 200 -3.60 -3.96 17.83
CA THR A 200 -3.03 -2.85 18.63
C THR A 200 -3.69 -2.84 19.99
N PRO A 201 -2.96 -3.01 21.09
CA PRO A 201 -3.59 -2.87 22.41
C PRO A 201 -4.08 -1.44 22.62
N LYS A 202 -5.20 -1.30 23.33
CA LYS A 202 -5.83 0.00 23.48
C LYS A 202 -4.86 1.03 24.07
N GLU A 203 -3.89 0.57 24.87
CA GLU A 203 -3.03 1.53 25.53
C GLU A 203 -1.99 2.07 24.55
N GLN A 204 -1.58 1.22 23.60
CA GLN A 204 -0.71 1.68 22.50
C GLN A 204 -1.48 2.58 21.55
N LEU A 205 -2.73 2.25 21.23
CA LEU A 205 -3.55 3.12 20.40
C LEU A 205 -3.60 4.52 20.99
N LYS A 206 -4.02 4.62 22.26
CA LYS A 206 -4.10 5.90 22.96
C LYS A 206 -2.78 6.65 22.94
N LYS A 207 -1.67 5.96 23.15
CA LYS A 207 -0.37 6.60 23.14
C LYS A 207 -0.06 7.21 21.77
N HIS A 208 -0.66 6.68 20.71
CA HIS A 208 -0.45 7.26 19.38
C HIS A 208 -1.47 8.35 19.05
N THR A 209 -2.74 8.13 19.40
CA THR A 209 -3.76 9.13 19.14
C THR A 209 -3.49 10.43 19.89
N ILE A 210 -2.99 10.33 21.14
CA ILE A 210 -2.73 11.51 21.96
C ILE A 210 -1.74 12.47 21.28
N LEU A 211 -0.90 11.96 20.38
CA LEU A 211 0.00 12.81 19.61
C LEU A 211 -0.59 13.32 18.31
N ALA A 212 -1.78 12.88 17.93
CA ALA A 212 -2.27 13.05 16.58
C ALA A 212 -2.98 14.40 16.40
N ASP A 213 -2.69 15.06 15.27
CA ASP A 213 -3.49 16.19 14.79
C ASP A 213 -4.72 15.75 14.00
N ILE A 214 -4.75 14.52 13.52
CA ILE A 214 -5.92 13.96 12.83
C ILE A 214 -6.05 12.51 13.25
N VAL A 215 -7.24 12.12 13.69
CA VAL A 215 -7.52 10.72 14.01
C VAL A 215 -8.64 10.27 13.09
N ILE A 216 -8.41 9.19 12.36
CA ILE A 216 -9.41 8.67 11.43
C ILE A 216 -9.74 7.26 11.85
N SER A 217 -11.00 7.03 12.22
CA SER A 217 -11.36 5.74 12.81
C SER A 217 -12.20 4.97 11.82
N ALA A 218 -11.70 3.81 11.42
CA ALA A 218 -12.39 2.95 10.47
C ALA A 218 -12.33 1.51 10.95
N ALA A 219 -12.62 1.29 12.23
CA ALA A 219 -12.59 -0.05 12.80
C ALA A 219 -13.95 -0.70 12.91
N GLY A 220 -15.01 0.08 13.10
CA GLY A 220 -16.31 -0.54 13.29
C GLY A 220 -16.44 -1.03 14.72
N ILE A 221 -16.06 -0.19 15.67
CA ILE A 221 -16.08 -0.52 17.10
C ILE A 221 -16.66 0.69 17.83
N PRO A 222 -17.86 0.60 18.37
CA PRO A 222 -18.46 1.76 19.05
C PRO A 222 -17.61 2.22 20.21
N ASN A 223 -17.51 3.53 20.36
CA ASN A 223 -16.73 4.18 21.42
C ASN A 223 -15.27 3.72 21.42
N LEU A 224 -14.72 3.35 20.26
CA LEU A 224 -13.29 3.09 20.21
C LEU A 224 -12.49 4.34 20.54
N ILE A 225 -12.96 5.49 20.10
CA ILE A 225 -12.25 6.74 20.30
C ILE A 225 -13.01 7.56 21.33
N THR A 226 -12.32 7.97 22.39
CA THR A 226 -12.92 8.73 23.48
C THR A 226 -12.05 9.93 23.75
N ALA A 227 -12.64 10.94 24.41
CA ALA A 227 -12.01 12.25 24.52
C ALA A 227 -10.62 12.19 25.14
N ASP A 228 -10.39 11.27 26.08
CA ASP A 228 -9.06 11.17 26.71
C ASP A 228 -7.99 10.72 25.72
N MET A 229 -8.38 10.09 24.62
CA MET A 229 -7.43 9.67 23.59
C MET A 229 -7.06 10.80 22.62
N ILE A 230 -7.72 11.95 22.71
CA ILE A 230 -7.64 12.98 21.67
C ILE A 230 -6.97 14.20 22.27
N LYS A 231 -5.93 14.71 21.60
CA LYS A 231 -5.36 15.97 22.04
C LYS A 231 -6.26 17.11 21.56
N GLU A 232 -6.40 18.15 22.38
CA GLU A 232 -7.44 19.11 22.07
C GLU A 232 -7.06 19.98 20.87
N GLY A 233 -8.08 20.33 20.09
CA GLY A 233 -7.90 20.98 18.81
C GLY A 233 -7.77 20.03 17.63
N ALA A 234 -7.62 18.73 17.87
CA ALA A 234 -7.40 17.77 16.79
C ALA A 234 -8.67 17.52 15.99
N ALA A 235 -8.49 17.02 14.76
CA ALA A 235 -9.58 16.65 13.88
C ALA A 235 -9.84 15.16 13.99
N VAL A 236 -11.10 14.78 14.17
CA VAL A 236 -11.48 13.38 14.31
C VAL A 236 -12.51 13.06 13.22
N ILE A 237 -12.17 12.12 12.32
CA ILE A 237 -13.04 11.72 11.20
C ILE A 237 -13.52 10.31 11.47
N ASP A 238 -14.84 10.14 11.55
CA ASP A 238 -15.43 8.88 12.01
C ASP A 238 -15.95 8.10 10.80
N VAL A 239 -15.19 7.09 10.38
CA VAL A 239 -15.60 6.28 9.24
C VAL A 239 -16.51 5.12 9.64
N GLY A 240 -16.64 4.81 10.93
CA GLY A 240 -17.43 3.64 11.31
C GLY A 240 -18.92 3.86 11.13
N ILE A 241 -19.63 2.78 10.80
CA ILE A 241 -21.10 2.80 10.82
C ILE A 241 -21.61 1.53 11.48
N ASN A 242 -21.97 1.61 12.77
CA ASN A 242 -22.25 0.45 13.61
C ASN A 242 -23.70 0.43 14.07
N ARG A 243 -24.39 -0.70 13.86
CA ARG A 243 -25.74 -0.92 14.37
C ARG A 243 -25.70 -1.24 15.87
N VAL A 244 -26.27 -0.36 16.70
CA VAL A 244 -26.24 -0.53 18.16
C VAL A 244 -27.63 -0.45 18.81
N PRO A 252 -32.53 -0.07 18.19
CA PRO A 252 -31.63 -0.15 17.02
C PRO A 252 -31.34 1.23 16.40
N LYS A 253 -30.06 1.60 16.38
CA LYS A 253 -29.62 2.91 15.91
C LYS A 253 -28.21 2.77 15.35
N LEU A 254 -27.75 3.80 14.62
CA LEU A 254 -26.41 3.84 14.03
C LEU A 254 -25.52 4.81 14.79
N VAL A 255 -24.34 4.34 15.19
CA VAL A 255 -23.28 5.17 15.76
C VAL A 255 -22.00 4.89 14.99
N GLY A 256 -21.01 5.76 15.20
CA GLY A 256 -19.69 5.57 14.64
C GLY A 256 -18.75 4.82 15.58
N ASP A 257 -17.46 4.93 15.29
CA ASP A 257 -16.45 4.47 16.24
C ASP A 257 -16.15 5.49 17.32
N VAL A 258 -16.61 6.72 17.15
CA VAL A 258 -16.20 7.82 18.02
C VAL A 258 -17.29 8.09 19.04
N ASP A 259 -16.89 8.34 20.28
CA ASP A 259 -17.84 8.81 21.27
C ASP A 259 -18.17 10.26 20.94
N PHE A 260 -19.24 10.46 20.17
CA PHE A 260 -19.45 11.75 19.52
C PHE A 260 -19.60 12.88 20.54
N GLU A 261 -20.45 12.68 21.56
CA GLU A 261 -20.70 13.78 22.49
C GLU A 261 -19.47 14.05 23.35
N GLY A 262 -18.74 13.01 23.74
CA GLY A 262 -17.51 13.23 24.48
C GLY A 262 -16.43 13.92 23.68
N VAL A 263 -16.08 13.37 22.51
CA VAL A 263 -14.99 13.93 21.72
C VAL A 263 -15.35 15.32 21.20
N ARG A 264 -16.65 15.58 21.07
CA ARG A 264 -17.15 16.89 20.66
C ARG A 264 -16.64 18.02 21.55
N GLN A 265 -16.36 17.72 22.81
CA GLN A 265 -15.93 18.67 23.83
C GLN A 265 -14.44 18.99 23.74
N LYS A 266 -13.66 18.19 23.00
CA LYS A 266 -12.20 18.28 23.00
C LYS A 266 -11.58 18.42 21.61
N ALA A 267 -12.12 17.74 20.60
CA ALA A 267 -11.62 17.89 19.24
C ALA A 267 -11.85 19.31 18.72
N GLY A 268 -11.00 19.74 17.77
CA GLY A 268 -11.31 20.95 17.02
C GLY A 268 -12.35 20.75 15.93
N TYR A 269 -12.38 19.57 15.30
CA TYR A 269 -13.29 19.23 14.21
C TYR A 269 -13.76 17.80 14.42
N ILE A 270 -14.98 17.52 13.98
CA ILE A 270 -15.49 16.16 14.16
C ILE A 270 -16.55 15.93 13.09
N THR A 271 -16.61 14.68 12.61
CA THR A 271 -17.68 14.35 11.66
C THR A 271 -18.72 13.47 12.38
N PRO A 272 -20.00 13.67 12.09
CA PRO A 272 -21.03 12.85 12.74
C PRO A 272 -21.30 11.57 11.99
N VAL A 273 -21.91 10.62 12.69
CA VAL A 273 -22.47 9.43 12.09
C VAL A 273 -23.91 9.33 12.58
N PRO A 274 -24.91 9.31 11.69
CA PRO A 274 -24.80 9.44 10.23
C PRO A 274 -24.53 10.86 9.79
N GLY A 275 -24.53 11.13 8.48
CA GLY A 275 -24.32 12.46 7.93
C GLY A 275 -22.87 12.91 7.83
N GLY A 276 -21.91 11.99 7.93
CA GLY A 276 -20.51 12.38 7.88
C GLY A 276 -19.83 11.79 6.66
N VAL A 277 -19.02 10.74 6.87
CA VAL A 277 -18.28 10.13 5.76
C VAL A 277 -19.22 9.44 4.78
N GLY A 278 -20.30 8.86 5.28
CA GLY A 278 -21.23 8.12 4.45
C GLY A 278 -21.70 8.85 3.21
N PRO A 279 -22.34 10.01 3.37
CA PRO A 279 -22.74 10.77 2.17
C PRO A 279 -21.55 11.18 1.30
N MET A 280 -20.37 11.39 1.90
CA MET A 280 -19.18 11.72 1.10
C MET A 280 -18.77 10.56 0.21
N THR A 281 -18.93 9.31 0.68
CA THR A 281 -18.68 8.14 -0.16
C THR A 281 -19.53 8.18 -1.41
N VAL A 282 -20.82 8.45 -1.25
CA VAL A 282 -21.72 8.47 -2.40
C VAL A 282 -21.34 9.60 -3.35
N ALA A 283 -20.96 10.76 -2.81
CA ALA A 283 -20.56 11.87 -3.68
C ALA A 283 -19.31 11.54 -4.49
N MET A 284 -18.26 10.97 -3.84
CA MET A 284 -17.06 10.70 -4.63
C MET A 284 -17.26 9.59 -5.66
N LEU A 285 -18.24 8.70 -5.46
CA LEU A 285 -18.57 7.75 -6.52
C LEU A 285 -19.16 8.44 -7.76
N MET A 286 -20.04 9.43 -7.55
CA MET A 286 -20.51 10.20 -8.71
C MET A 286 -19.35 10.89 -9.44
N LYS A 287 -18.39 11.46 -8.71
CA LYS A 287 -17.22 12.03 -9.38
C LYS A 287 -16.49 10.99 -10.21
N ASN A 288 -16.34 9.76 -9.67
CA ASN A 288 -15.62 8.73 -10.41
C ASN A 288 -16.37 8.33 -11.66
N THR A 289 -17.70 8.34 -11.61
CA THR A 289 -18.47 7.86 -12.75
C THR A 289 -18.38 8.82 -13.94
N ILE A 290 -18.44 10.13 -13.69
CA ILE A 290 -18.25 11.06 -14.81
C ILE A 290 -16.81 11.01 -15.32
N ILE A 291 -15.85 10.85 -14.40
CA ILE A 291 -14.48 10.58 -14.81
C ILE A 291 -14.43 9.36 -15.74
N ALA A 292 -15.10 8.27 -15.37
CA ALA A 292 -15.02 7.07 -16.19
C ALA A 292 -15.68 7.26 -17.54
N ALA A 293 -16.86 7.92 -17.57
CA ALA A 293 -17.54 8.20 -18.82
C ALA A 293 -16.68 9.06 -19.76
N LYS A 294 -15.83 9.92 -19.19
CA LYS A 294 -14.97 10.78 -20.00
C LYS A 294 -13.71 10.10 -20.51
N LYS A 295 -13.42 8.88 -20.04
CA LYS A 295 -12.28 8.13 -20.55
C LYS A 295 -10.96 8.86 -20.30
N VAL A 296 -10.86 9.51 -19.13
CA VAL A 296 -9.67 10.30 -18.80
C VAL A 296 -8.45 9.40 -18.56
N LEU A 297 -8.65 8.25 -17.92
CA LEU A 297 -7.56 7.34 -17.64
C LEU A 297 -7.61 6.09 -18.52
N GLU B 1 24.34 -4.69 26.60
CA GLU B 1 24.70 -4.15 25.28
C GLU B 1 23.99 -4.96 24.16
N ALA B 2 23.79 -4.34 23.00
CA ALA B 2 22.92 -4.89 21.96
C ALA B 2 23.55 -6.07 21.23
N VAL B 3 22.78 -7.16 21.12
CA VAL B 3 23.07 -8.18 20.12
C VAL B 3 23.24 -7.53 18.75
N VAL B 4 24.34 -7.83 18.07
CA VAL B 4 24.52 -7.42 16.68
C VAL B 4 24.09 -8.59 15.80
N ILE B 5 23.03 -8.40 15.01
CA ILE B 5 22.54 -9.46 14.14
C ILE B 5 23.40 -9.49 12.88
N SER B 6 23.94 -10.66 12.57
CA SER B 6 24.78 -10.81 11.39
C SER B 6 23.89 -11.08 10.18
N GLY B 7 23.76 -10.09 9.29
CA GLY B 7 23.07 -10.33 8.03
C GLY B 7 23.78 -11.37 7.19
N ARG B 8 25.10 -11.51 7.39
CA ARG B 8 25.89 -12.46 6.61
C ARG B 8 25.53 -13.88 7.01
N LYS B 9 25.34 -14.13 8.31
CA LYS B 9 25.05 -15.51 8.68
C LYS B 9 23.63 -15.91 8.29
N LEU B 10 22.65 -15.02 8.50
CA LEU B 10 21.28 -15.32 8.08
C LEU B 10 21.18 -15.55 6.57
N ALA B 11 21.80 -14.68 5.78
CA ALA B 11 21.73 -14.84 4.32
C ALA B 11 22.35 -16.16 3.89
N GLN B 12 23.46 -16.54 4.53
CA GLN B 12 24.07 -17.83 4.25
C GLN B 12 23.09 -18.98 4.48
N GLN B 13 22.30 -18.93 5.56
CA GLN B 13 21.29 -19.97 5.79
C GLN B 13 20.19 -19.93 4.72
N ILE B 14 19.69 -18.74 4.39
CA ILE B 14 18.68 -18.62 3.34
C ILE B 14 19.25 -19.14 2.01
N LYS B 15 20.47 -18.75 1.68
CA LYS B 15 21.08 -19.22 0.43
C LYS B 15 21.28 -20.74 0.43
N GLN B 16 21.58 -21.33 1.59
CA GLN B 16 21.69 -22.80 1.62
C GLN B 16 20.33 -23.46 1.39
N GLU B 17 19.26 -22.87 1.94
CA GLU B 17 17.90 -23.33 1.64
C GLU B 17 17.62 -23.28 0.14
N VAL B 18 18.02 -22.20 -0.54
CA VAL B 18 17.75 -22.08 -1.97
C VAL B 18 18.57 -23.10 -2.76
N ARG B 19 19.83 -23.29 -2.40
CA ARG B 19 20.63 -24.29 -3.10
C ARG B 19 20.00 -25.68 -2.99
N GLN B 20 19.47 -26.03 -1.82
CA GLN B 20 18.81 -27.34 -1.69
C GLN B 20 17.55 -27.40 -2.55
N GLU B 21 16.75 -26.33 -2.52
CA GLU B 21 15.52 -26.31 -3.31
C GLU B 21 15.82 -26.40 -4.80
N VAL B 22 16.83 -25.65 -5.27
CA VAL B 22 17.17 -25.67 -6.69
C VAL B 22 17.67 -27.05 -7.12
N GLU B 23 18.54 -27.66 -6.34
CA GLU B 23 19.00 -28.99 -6.73
C GLU B 23 17.93 -30.07 -6.62
N GLU B 24 16.99 -30.00 -5.68
CA GLU B 24 15.87 -30.95 -5.76
C GLU B 24 15.06 -30.71 -7.03
N TRP B 25 14.82 -29.44 -7.36
CA TRP B 25 14.12 -29.09 -8.59
C TRP B 25 14.84 -29.64 -9.82
N VAL B 26 16.16 -29.45 -9.89
CA VAL B 26 16.89 -29.92 -11.07
C VAL B 26 16.99 -31.45 -11.06
N ALA B 27 17.10 -32.06 -9.88
CA ALA B 27 17.17 -33.52 -9.79
C ALA B 27 15.90 -34.16 -10.34
N SER B 28 14.77 -33.46 -10.23
CA SER B 28 13.49 -33.93 -10.76
C SER B 28 13.40 -33.83 -12.26
N GLY B 29 14.47 -33.44 -12.95
CA GLY B 29 14.44 -33.32 -14.41
C GLY B 29 14.13 -31.94 -14.96
N ASN B 30 13.99 -30.92 -14.13
CA ASN B 30 13.59 -29.60 -14.63
C ASN B 30 14.79 -28.79 -15.12
N LYS B 31 14.49 -27.85 -16.01
CA LYS B 31 15.50 -26.90 -16.47
C LYS B 31 16.11 -26.16 -15.29
N ARG B 32 17.41 -25.93 -15.34
CA ARG B 32 18.04 -25.16 -14.28
C ARG B 32 17.51 -23.72 -14.31
N PRO B 33 17.22 -23.12 -13.15
CA PRO B 33 16.73 -21.74 -13.15
C PRO B 33 17.77 -20.80 -13.73
N HIS B 34 17.27 -19.72 -14.34
CA HIS B 34 18.14 -18.74 -14.98
C HIS B 34 17.64 -17.33 -14.67
N LEU B 35 18.54 -16.48 -14.17
CA LEU B 35 18.27 -15.09 -13.86
C LEU B 35 19.01 -14.17 -14.83
N SER B 36 18.30 -13.24 -15.43
CA SER B 36 18.91 -12.19 -16.25
C SER B 36 18.81 -10.86 -15.54
N VAL B 37 19.95 -10.17 -15.42
CA VAL B 37 20.03 -8.83 -14.83
C VAL B 37 20.41 -7.85 -15.92
N ILE B 38 19.67 -6.76 -16.05
CA ILE B 38 20.06 -5.68 -16.94
C ILE B 38 20.66 -4.55 -16.12
N LEU B 39 21.83 -4.09 -16.53
CA LEU B 39 22.58 -3.09 -15.79
C LEU B 39 22.91 -1.95 -16.75
N VAL B 40 22.49 -0.72 -16.40
CA VAL B 40 22.64 0.43 -17.28
C VAL B 40 23.65 1.40 -16.67
N GLY B 41 24.66 1.78 -17.46
CA GLY B 41 25.57 2.81 -17.01
C GLY B 41 26.66 2.28 -16.10
N GLU B 42 27.21 3.17 -15.26
CA GLU B 42 28.44 2.82 -14.56
C GLU B 42 28.43 3.25 -13.09
N ASN B 43 27.26 3.42 -12.50
CA ASN B 43 27.16 3.62 -11.07
C ASN B 43 27.97 2.53 -10.37
N PRO B 44 29.06 2.89 -9.68
CA PRO B 44 29.92 1.86 -9.07
C PRO B 44 29.20 1.00 -8.05
N ALA B 45 28.25 1.58 -7.32
CA ALA B 45 27.50 0.79 -6.34
C ALA B 45 26.56 -0.19 -7.03
N SER B 46 25.95 0.22 -8.15
CA SER B 46 25.10 -0.68 -8.92
C SER B 46 25.90 -1.88 -9.42
N HIS B 47 27.05 -1.64 -10.04
CA HIS B 47 27.88 -2.74 -10.52
C HIS B 47 28.25 -3.67 -9.36
N SER B 48 28.64 -3.08 -8.25
CA SER B 48 28.99 -3.86 -7.08
C SER B 48 27.80 -4.71 -6.62
N TYR B 49 26.59 -4.12 -6.57
CA TYR B 49 25.45 -4.87 -6.07
C TYR B 49 25.04 -5.98 -7.02
N VAL B 50 25.15 -5.74 -8.33
CA VAL B 50 24.79 -6.73 -9.33
C VAL B 50 25.76 -7.92 -9.30
N LEU B 51 27.05 -7.66 -9.08
CA LEU B 51 28.02 -8.75 -8.95
C LEU B 51 27.74 -9.61 -7.72
N ASN B 52 27.35 -8.99 -6.60
CA ASN B 52 26.95 -9.77 -5.44
C ASN B 52 25.78 -10.70 -5.79
N LYS B 53 24.83 -10.21 -6.58
CA LYS B 53 23.65 -10.98 -6.96
C LYS B 53 24.01 -12.19 -7.84
N THR B 54 24.83 -11.98 -8.87
CA THR B 54 25.15 -13.08 -9.76
C THR B 54 26.19 -14.01 -9.12
N ARG B 55 27.03 -13.49 -8.23
CA ARG B 55 27.86 -14.38 -7.41
C ARG B 55 27.00 -15.29 -6.55
N ALA B 56 25.96 -14.73 -5.92
CA ALA B 56 25.08 -15.55 -5.09
C ALA B 56 24.33 -16.58 -5.94
N ALA B 57 23.81 -16.15 -7.11
CA ALA B 57 23.11 -17.08 -7.99
C ALA B 57 23.96 -18.31 -8.30
N ALA B 58 25.21 -18.08 -8.69
CA ALA B 58 26.07 -19.19 -9.10
C ALA B 58 26.29 -20.17 -7.95
N VAL B 59 26.47 -19.66 -6.72
CA VAL B 59 26.70 -20.53 -5.57
C VAL B 59 25.46 -21.37 -5.22
N VAL B 60 24.26 -20.88 -5.52
CA VAL B 60 23.07 -21.67 -5.19
C VAL B 60 22.57 -22.48 -6.37
N GLY B 61 23.34 -22.55 -7.46
CA GLY B 61 22.95 -23.33 -8.62
C GLY B 61 22.02 -22.66 -9.61
N ILE B 62 21.92 -21.32 -9.59
CA ILE B 62 21.08 -20.61 -10.54
C ILE B 62 21.98 -20.02 -11.62
N ASN B 63 21.71 -20.35 -12.87
CA ASN B 63 22.44 -19.73 -13.97
C ASN B 63 22.09 -18.24 -14.05
N SER B 64 23.06 -17.43 -14.46
CA SER B 64 22.80 -16.00 -14.59
C SER B 64 23.56 -15.42 -15.77
N GLU B 65 23.04 -14.30 -16.26
CA GLU B 65 23.77 -13.41 -17.14
C GLU B 65 23.46 -11.96 -16.74
N THR B 66 24.49 -11.12 -16.75
CA THR B 66 24.30 -9.69 -16.62
C THR B 66 24.50 -9.06 -17.99
N ILE B 67 23.52 -8.29 -18.43
CA ILE B 67 23.58 -7.60 -19.72
C ILE B 67 23.81 -6.13 -19.42
N MET B 68 24.99 -5.63 -19.78
CA MET B 68 25.41 -4.30 -19.41
C MET B 68 25.22 -3.41 -20.63
N LYS B 69 24.58 -2.27 -20.45
CA LYS B 69 24.30 -1.30 -21.51
C LYS B 69 24.81 0.06 -21.07
N PRO B 70 25.31 0.87 -22.00
CA PRO B 70 25.76 2.21 -21.63
C PRO B 70 24.58 3.07 -21.22
N ALA B 71 24.88 4.07 -20.38
CA ALA B 71 23.89 5.03 -19.91
C ALA B 71 23.21 5.78 -21.04
N SER B 72 23.86 5.90 -22.21
CA SER B 72 23.27 6.60 -23.34
C SER B 72 22.20 5.80 -24.08
N ILE B 73 21.94 4.56 -23.66
CA ILE B 73 20.84 3.77 -24.23
C ILE B 73 19.54 4.56 -24.18
N SER B 74 18.66 4.35 -25.13
CA SER B 74 17.38 5.02 -25.09
C SER B 74 16.31 4.11 -24.49
N GLU B 75 15.17 4.72 -24.19
CA GLU B 75 14.07 3.97 -23.59
C GLU B 75 13.55 2.88 -24.52
N GLU B 76 13.40 3.19 -25.82
CA GLU B 76 12.91 2.15 -26.74
C GLU B 76 13.89 0.98 -26.85
N GLU B 77 15.20 1.24 -26.75
CA GLU B 77 16.19 0.16 -26.88
C GLU B 77 16.19 -0.74 -25.65
N LEU B 78 16.00 -0.15 -24.47
CA LEU B 78 15.85 -0.94 -23.25
C LEU B 78 14.58 -1.78 -23.32
N LEU B 79 13.47 -1.17 -23.76
CA LEU B 79 12.21 -1.90 -23.90
C LEU B 79 12.35 -3.04 -24.90
N ASN B 80 13.09 -2.81 -25.98
CA ASN B 80 13.33 -3.89 -26.93
C ASN B 80 14.06 -5.05 -26.28
N LEU B 81 15.11 -4.76 -25.51
CA LEU B 81 15.86 -5.80 -24.81
C LEU B 81 14.97 -6.56 -23.82
N ILE B 82 14.15 -5.83 -23.05
CA ILE B 82 13.25 -6.45 -22.08
C ILE B 82 12.25 -7.37 -22.77
N ASN B 83 11.71 -6.94 -23.92
CA ASN B 83 10.78 -7.80 -24.65
C ASN B 83 11.46 -9.06 -25.17
N LYS B 84 12.71 -8.94 -25.65
CA LYS B 84 13.45 -10.13 -26.06
C LYS B 84 13.63 -11.09 -24.88
N LEU B 85 13.88 -10.58 -23.68
CA LEU B 85 14.08 -11.47 -22.53
C LEU B 85 12.77 -12.09 -22.04
N ASN B 86 11.68 -11.31 -22.07
CA ASN B 86 10.35 -11.82 -21.72
C ASN B 86 9.97 -13.04 -22.58
N ASN B 87 10.39 -13.05 -23.84
CA ASN B 87 10.01 -14.14 -24.74
C ASN B 87 11.07 -15.23 -24.85
N ASP B 88 12.19 -15.10 -24.15
CA ASP B 88 13.18 -16.17 -24.10
C ASP B 88 12.76 -17.14 -23.01
N ASP B 89 12.31 -18.35 -23.40
CA ASP B 89 11.87 -19.37 -22.45
C ASP B 89 12.98 -19.90 -21.56
N ASN B 90 14.23 -19.62 -21.87
CA ASN B 90 15.26 -20.02 -20.91
C ASN B 90 15.31 -19.10 -19.70
N VAL B 91 14.86 -17.86 -19.84
CA VAL B 91 14.96 -16.84 -18.78
C VAL B 91 13.77 -16.99 -17.84
N ASP B 92 14.01 -17.38 -16.59
CA ASP B 92 12.95 -17.43 -15.58
C ASP B 92 12.78 -16.11 -14.83
N GLY B 93 13.87 -15.44 -14.52
CA GLY B 93 13.83 -14.20 -13.78
C GLY B 93 14.53 -13.10 -14.56
N LEU B 94 13.90 -11.93 -14.58
CA LEU B 94 14.43 -10.74 -15.25
C LEU B 94 14.35 -9.58 -14.28
N LEU B 95 15.47 -8.90 -14.05
CA LEU B 95 15.38 -7.68 -13.27
C LEU B 95 16.25 -6.60 -13.89
N VAL B 96 15.78 -5.36 -13.76
CA VAL B 96 16.51 -4.18 -14.20
C VAL B 96 17.02 -3.51 -12.94
N GLN B 97 18.34 -3.33 -12.85
CA GLN B 97 18.93 -2.68 -11.70
C GLN B 97 18.65 -1.18 -11.74
N LEU B 98 18.20 -0.61 -10.62
CA LEU B 98 17.92 0.81 -10.54
C LEU B 98 19.01 1.50 -9.70
N PRO B 99 19.19 2.83 -9.87
CA PRO B 99 18.43 3.74 -10.74
C PRO B 99 18.87 3.71 -12.20
N LEU B 100 17.95 4.11 -13.08
CA LEU B 100 18.14 4.25 -14.51
C LEU B 100 18.53 5.70 -14.86
N PRO B 101 19.05 5.95 -16.06
CA PRO B 101 19.34 7.33 -16.47
C PRO B 101 18.10 8.22 -16.46
N GLU B 102 18.37 9.52 -16.33
CA GLU B 102 17.32 10.48 -16.08
C GLU B 102 16.31 10.49 -17.21
N HIS B 103 16.75 10.15 -18.42
CA HIS B 103 15.90 10.20 -19.59
C HIS B 103 15.09 8.93 -19.78
N ILE B 104 15.14 8.01 -18.83
CA ILE B 104 14.39 6.75 -18.91
C ILE B 104 13.29 6.77 -17.85
N ASP B 105 12.05 6.54 -18.27
CA ASP B 105 10.94 6.42 -17.34
C ASP B 105 11.00 5.07 -16.63
N GLU B 106 11.39 5.07 -15.34
CA GLU B 106 11.58 3.83 -14.60
C GLU B 106 10.28 3.04 -14.48
N ARG B 107 9.15 3.73 -14.28
CA ARG B 107 7.87 3.03 -14.13
C ARG B 107 7.52 2.28 -15.40
N ARG B 108 7.71 2.91 -16.56
CA ARG B 108 7.47 2.21 -17.83
C ARG B 108 8.36 0.97 -17.97
N ILE B 109 9.63 1.09 -17.58
CA ILE B 109 10.54 -0.04 -17.68
C ILE B 109 10.08 -1.18 -16.76
N CYS B 110 9.83 -0.86 -15.49
CA CYS B 110 9.41 -1.89 -14.55
C CYS B 110 8.12 -2.57 -14.99
N ASN B 111 7.19 -1.82 -15.59
CA ASN B 111 5.95 -2.44 -16.05
C ASN B 111 6.13 -3.25 -17.34
N ALA B 112 7.26 -3.08 -18.04
CA ALA B 112 7.53 -3.84 -19.24
C ALA B 112 8.03 -5.26 -18.95
N VAL B 113 8.62 -5.50 -17.78
CA VAL B 113 9.05 -6.85 -17.41
C VAL B 113 7.82 -7.72 -17.17
N SER B 114 7.78 -8.89 -17.77
CA SER B 114 6.55 -9.68 -17.59
C SER B 114 6.39 -10.05 -16.12
N PRO B 115 5.18 -9.95 -15.57
CA PRO B 115 4.98 -10.15 -14.12
C PRO B 115 5.43 -11.52 -13.62
N ASP B 116 5.39 -12.54 -14.48
CA ASP B 116 5.84 -13.86 -14.07
C ASP B 116 7.35 -13.96 -13.91
N LYS B 117 8.11 -13.08 -14.57
CA LYS B 117 9.57 -13.02 -14.45
C LYS B 117 10.05 -11.91 -13.51
N ASP B 118 9.13 -11.13 -12.94
CA ASP B 118 9.41 -9.91 -12.19
C ASP B 118 9.87 -10.23 -10.76
N VAL B 119 11.07 -10.82 -10.67
CA VAL B 119 11.62 -11.24 -9.38
C VAL B 119 11.88 -10.06 -8.45
N ASP B 120 11.97 -8.83 -8.97
CA ASP B 120 12.05 -7.71 -8.04
C ASP B 120 10.68 -7.31 -7.49
N GLY B 121 9.58 -7.80 -8.04
CA GLY B 121 8.27 -7.38 -7.57
C GLY B 121 7.98 -5.92 -7.79
N PHE B 122 8.53 -5.31 -8.85
CA PHE B 122 8.30 -3.88 -9.11
C PHE B 122 7.19 -3.62 -10.12
N HIS B 123 6.69 -4.64 -10.80
CA HIS B 123 5.59 -4.45 -11.74
C HIS B 123 4.32 -4.05 -10.99
N VAL B 124 3.53 -3.14 -11.59
CA VAL B 124 2.37 -2.58 -10.90
C VAL B 124 1.42 -3.68 -10.44
N ILE B 125 1.30 -4.77 -11.20
CA ILE B 125 0.42 -5.84 -10.76
C ILE B 125 0.97 -6.52 -9.50
N ASN B 126 2.30 -6.68 -9.42
CA ASN B 126 2.90 -7.22 -8.21
C ASN B 126 2.85 -6.23 -7.05
N VAL B 127 2.97 -4.93 -7.34
CA VAL B 127 2.77 -3.95 -6.26
C VAL B 127 1.36 -4.05 -5.72
N GLY B 128 0.37 -4.14 -6.62
CA GLY B 128 -1.01 -4.22 -6.18
C GLY B 128 -1.31 -5.49 -5.41
N ARG B 129 -0.83 -6.63 -5.89
CA ARG B 129 -1.01 -7.90 -5.18
C ARG B 129 -0.39 -7.83 -3.79
N MET B 130 0.80 -7.24 -3.67
CA MET B 130 1.43 -7.14 -2.35
C MET B 130 0.59 -6.29 -1.42
N CYS B 131 0.09 -5.15 -1.90
CA CYS B 131 -0.72 -4.25 -1.09
C CYS B 131 -2.09 -4.84 -0.76
N LEU B 132 -2.54 -5.87 -1.47
CA LEU B 132 -3.75 -6.61 -1.09
C LEU B 132 -3.46 -7.85 -0.25
N ASP B 133 -2.20 -8.03 0.20
CA ASP B 133 -1.79 -9.22 0.96
C ASP B 133 -2.00 -10.50 0.18
N GLN B 134 -1.91 -10.45 -1.15
CA GLN B 134 -2.00 -11.66 -1.96
C GLN B 134 -0.60 -12.23 -2.18
N TYR B 135 -0.56 -13.53 -2.54
CA TYR B 135 0.69 -14.16 -2.94
C TYR B 135 1.38 -13.33 -4.00
N SER B 136 2.63 -12.99 -3.77
CA SER B 136 3.33 -12.20 -4.78
C SER B 136 4.83 -12.39 -4.65
N MET B 137 5.54 -11.98 -5.69
CA MET B 137 6.98 -11.78 -5.64
C MET B 137 7.27 -10.57 -4.77
N LEU B 138 7.82 -10.78 -3.64
CA LEU B 138 8.05 -9.65 -2.76
C LEU B 138 9.34 -8.95 -3.14
N PRO B 139 9.39 -7.63 -3.05
CA PRO B 139 10.67 -6.93 -3.29
C PRO B 139 11.73 -7.44 -2.31
N ALA B 140 12.97 -7.53 -2.78
CA ALA B 140 13.96 -8.29 -2.01
C ALA B 140 14.42 -7.55 -0.76
N THR B 141 14.68 -6.24 -0.85
CA THR B 141 15.08 -5.53 0.36
C THR B 141 13.98 -5.55 1.42
N PRO B 142 12.73 -5.18 1.14
CA PRO B 142 11.69 -5.35 2.17
C PRO B 142 11.57 -6.78 2.70
N TRP B 143 11.65 -7.78 1.82
CA TRP B 143 11.54 -9.15 2.29
C TRP B 143 12.73 -9.52 3.18
N GLY B 144 13.92 -9.02 2.84
CA GLY B 144 15.08 -9.22 3.70
C GLY B 144 14.90 -8.66 5.10
N VAL B 145 14.38 -7.43 5.22
CA VAL B 145 14.06 -6.85 6.53
C VAL B 145 13.11 -7.76 7.28
N TRP B 146 12.05 -8.23 6.60
CA TRP B 146 11.10 -9.13 7.24
C TRP B 146 11.81 -10.39 7.77
N GLU B 147 12.68 -10.98 6.95
CA GLU B 147 13.35 -12.21 7.36
C GLU B 147 14.29 -11.98 8.52
N ILE B 148 15.01 -10.85 8.53
CA ILE B 148 15.86 -10.53 9.67
C ILE B 148 15.04 -10.59 10.94
N ILE B 149 13.85 -9.99 10.91
CA ILE B 149 13.02 -9.90 12.10
C ILE B 149 12.50 -11.25 12.52
N LYS B 150 11.93 -12.01 11.57
CA LYS B 150 11.33 -13.29 11.94
C LYS B 150 12.39 -14.30 12.36
N ARG B 151 13.54 -14.33 11.69
CA ARG B 151 14.51 -15.40 11.96
C ARG B 151 15.26 -15.15 13.27
N THR B 152 15.52 -13.88 13.61
CA THR B 152 15.96 -13.54 14.97
C THR B 152 14.88 -13.80 16.04
N GLY B 153 13.63 -14.04 15.66
CA GLY B 153 12.59 -14.24 16.65
C GLY B 153 12.12 -12.99 17.38
N ILE B 154 12.30 -11.80 16.80
CA ILE B 154 11.77 -10.58 17.38
C ILE B 154 10.27 -10.50 17.10
N PRO B 155 9.43 -10.43 18.13
CA PRO B 155 7.98 -10.42 17.90
C PRO B 155 7.49 -9.14 17.23
N THR B 156 6.39 -9.27 16.48
CA THR B 156 5.81 -8.12 15.80
C THR B 156 4.32 -7.90 16.11
N LEU B 157 3.58 -8.97 16.38
CA LEU B 157 2.14 -8.82 16.56
C LEU B 157 1.84 -7.94 17.75
N GLY B 158 1.24 -6.77 17.50
CA GLY B 158 0.92 -5.85 18.57
C GLY B 158 2.05 -4.95 19.01
N LYS B 159 3.19 -5.03 18.35
CA LYS B 159 4.31 -4.18 18.73
C LYS B 159 4.29 -2.88 17.93
N ASN B 160 4.83 -1.82 18.51
CA ASN B 160 4.98 -0.56 17.80
C ASN B 160 6.22 -0.62 16.91
N VAL B 161 6.06 -0.19 15.67
CA VAL B 161 7.13 -0.16 14.68
C VAL B 161 7.12 1.20 14.01
N VAL B 162 8.29 1.80 13.87
CA VAL B 162 8.46 3.02 13.10
C VAL B 162 9.34 2.73 11.89
N VAL B 163 8.89 3.14 10.71
CA VAL B 163 9.67 3.06 9.48
C VAL B 163 10.01 4.48 9.06
N ALA B 164 11.30 4.75 8.87
CA ALA B 164 11.75 6.07 8.41
C ALA B 164 12.01 5.99 6.92
N GLY B 165 11.10 6.55 6.14
CA GLY B 165 11.21 6.54 4.70
C GLY B 165 9.99 5.92 4.07
N ARG B 166 9.62 6.37 2.88
CA ARG B 166 8.37 5.95 2.26
C ARG B 166 8.56 5.57 0.81
N SER B 167 9.77 5.24 0.39
CA SER B 167 9.97 5.00 -1.04
C SER B 167 9.21 3.75 -1.49
N LYS B 168 8.76 3.77 -2.74
CA LYS B 168 7.89 2.71 -3.22
C LYS B 168 8.58 1.35 -3.28
N ASN B 169 9.91 1.31 -3.40
CA ASN B 169 10.60 0.03 -3.50
C ASN B 169 11.17 -0.46 -2.17
N VAL B 170 11.31 0.42 -1.19
CA VAL B 170 11.85 -0.01 0.10
C VAL B 170 10.94 0.33 1.27
N GLY B 171 10.76 1.62 1.56
CA GLY B 171 10.07 1.99 2.80
C GLY B 171 8.59 1.60 2.81
N MET B 172 7.88 1.85 1.70
CA MET B 172 6.44 1.55 1.68
C MET B 172 6.17 0.05 1.76
N PRO B 173 6.85 -0.82 1.00
CA PRO B 173 6.65 -2.28 1.19
C PRO B 173 7.01 -2.76 2.58
N ILE B 174 8.02 -2.18 3.24
CA ILE B 174 8.33 -2.60 4.62
C ILE B 174 7.15 -2.30 5.54
N ALA B 175 6.61 -1.09 5.46
CA ALA B 175 5.45 -0.71 6.26
C ALA B 175 4.25 -1.60 5.95
N MET B 176 4.06 -1.93 4.67
CA MET B 176 2.97 -2.83 4.30
C MET B 176 3.16 -4.22 4.90
N LEU B 177 4.36 -4.79 4.79
CA LEU B 177 4.58 -6.14 5.33
C LEU B 177 4.35 -6.19 6.84
N LEU B 178 4.84 -5.18 7.55
CA LEU B 178 4.82 -5.27 9.00
C LEU B 178 3.44 -5.05 9.60
N HIS B 179 2.57 -4.24 8.98
CA HIS B 179 1.32 -3.93 9.67
C HIS B 179 0.19 -4.88 9.30
N THR B 180 0.37 -5.73 8.30
CA THR B 180 -0.75 -6.46 7.75
C THR B 180 -0.99 -7.79 8.47
N ASP B 181 -2.07 -8.42 8.08
CA ASP B 181 -2.69 -9.50 8.84
C ASP B 181 -1.91 -10.81 8.68
N GLY B 182 -1.57 -11.43 9.81
CA GLY B 182 -0.87 -12.72 9.79
C GLY B 182 -1.68 -13.82 9.12
N ALA B 183 -3.00 -13.70 9.10
CA ALA B 183 -3.83 -14.78 8.59
C ALA B 183 -4.10 -14.70 7.09
N HIS B 184 -3.59 -13.68 6.38
CA HIS B 184 -3.87 -13.47 4.97
C HIS B 184 -2.94 -14.31 4.09
N GLU B 185 -3.28 -14.42 2.79
CA GLU B 185 -2.53 -15.24 1.84
C GLU B 185 -1.03 -15.06 1.98
N ARG B 186 -0.59 -13.82 1.87
CA ARG B 186 0.78 -13.46 2.22
C ARG B 186 0.71 -12.86 3.61
N PRO B 187 1.21 -13.55 4.64
CA PRO B 187 1.07 -13.04 6.01
C PRO B 187 1.83 -11.75 6.20
N GLY B 188 1.37 -10.96 7.17
CA GLY B 188 2.08 -9.79 7.61
C GLY B 188 2.37 -9.87 9.10
N GLY B 189 3.09 -8.85 9.58
CA GLY B 189 3.57 -8.81 10.94
C GLY B 189 2.61 -8.34 12.02
N ASP B 190 1.40 -7.86 11.66
CA ASP B 190 0.38 -7.46 12.65
C ASP B 190 0.89 -6.40 13.64
N ALA B 191 1.86 -5.59 13.25
CA ALA B 191 2.37 -4.52 14.10
C ALA B 191 1.61 -3.21 13.89
N THR B 192 1.79 -2.30 14.84
CA THR B 192 1.30 -0.93 14.78
C THR B 192 2.41 -0.09 14.18
N VAL B 193 2.22 0.37 12.94
CA VAL B 193 3.32 0.88 12.13
C VAL B 193 3.14 2.38 11.90
N THR B 194 4.17 3.14 12.23
CA THR B 194 4.26 4.55 11.89
C THR B 194 5.18 4.72 10.69
N ILE B 195 4.72 5.49 9.71
CA ILE B 195 5.47 5.83 8.51
C ILE B 195 5.90 7.27 8.61
N SER B 196 7.21 7.52 8.66
CA SER B 196 7.76 8.86 8.65
C SER B 196 8.58 9.09 7.39
N HIS B 197 8.87 10.36 7.10
CA HIS B 197 9.47 10.68 5.81
C HIS B 197 10.08 12.07 5.88
N ARG B 198 10.46 12.61 4.73
CA ARG B 198 11.21 13.85 4.67
C ARG B 198 10.47 15.06 5.27
N TYR B 199 9.15 15.01 5.38
CA TYR B 199 8.40 16.10 5.99
C TYR B 199 8.00 15.80 7.42
N THR B 200 8.50 14.72 7.99
CA THR B 200 8.28 14.46 9.40
C THR B 200 9.25 15.29 10.23
N PRO B 201 8.76 16.23 11.05
CA PRO B 201 9.70 16.99 11.89
C PRO B 201 10.49 16.03 12.77
N LYS B 202 11.77 16.33 12.87
CA LYS B 202 12.69 15.50 13.63
C LYS B 202 12.25 15.29 15.08
N GLU B 203 11.61 16.30 15.69
CA GLU B 203 11.06 16.14 17.04
C GLU B 203 9.91 15.15 17.04
N GLN B 204 9.06 15.18 16.00
CA GLN B 204 7.97 14.23 15.92
C GLN B 204 8.46 12.81 15.66
N LEU B 205 9.57 12.64 14.93
CA LEU B 205 10.11 11.31 14.74
C LEU B 205 10.53 10.71 16.06
N LYS B 206 11.20 11.49 16.91
CA LYS B 206 11.62 10.99 18.21
C LYS B 206 10.43 10.56 19.05
N LYS B 207 9.35 11.36 19.07
CA LYS B 207 8.20 11.03 19.92
C LYS B 207 7.54 9.72 19.50
N HIS B 208 7.75 9.29 18.25
CA HIS B 208 7.22 7.98 17.85
C HIS B 208 8.24 6.85 18.04
N THR B 209 9.53 7.12 17.81
CA THR B 209 10.53 6.05 17.97
C THR B 209 10.69 5.65 19.42
N ILE B 210 10.63 6.63 20.33
CA ILE B 210 10.78 6.30 21.75
C ILE B 210 9.70 5.36 22.23
N LEU B 211 8.58 5.26 21.50
CA LEU B 211 7.58 4.22 21.74
C LEU B 211 7.88 2.91 21.03
N ALA B 212 8.85 2.89 20.13
CA ALA B 212 8.94 1.79 19.16
C ALA B 212 9.68 0.58 19.74
N ASP B 213 9.09 -0.60 19.57
CA ASP B 213 9.78 -1.85 19.77
C ASP B 213 10.76 -2.18 18.64
N ILE B 214 10.50 -1.66 17.42
CA ILE B 214 11.34 -1.92 16.24
C ILE B 214 11.40 -0.63 15.44
N VAL B 215 12.58 -0.07 15.28
CA VAL B 215 12.80 1.08 14.40
C VAL B 215 13.53 0.59 13.15
N ILE B 216 12.99 0.92 11.98
CA ILE B 216 13.55 0.52 10.69
C ILE B 216 13.87 1.78 9.93
N SER B 217 15.15 2.04 9.71
CA SER B 217 15.55 3.27 9.07
C SER B 217 15.90 3.01 7.61
N ALA B 218 15.15 3.63 6.70
CA ALA B 218 15.34 3.42 5.27
C ALA B 218 15.33 4.75 4.55
N ALA B 219 16.06 5.73 5.10
CA ALA B 219 16.01 7.09 4.59
C ALA B 219 17.28 7.54 3.87
N GLY B 220 18.41 6.90 4.12
CA GLY B 220 19.66 7.33 3.52
C GLY B 220 20.19 8.63 4.08
N ILE B 221 20.18 8.75 5.41
CA ILE B 221 20.64 9.93 6.11
C ILE B 221 21.57 9.47 7.23
N PRO B 222 22.86 9.80 7.19
CA PRO B 222 23.75 9.35 8.27
C PRO B 222 23.33 9.95 9.61
N ASN B 223 23.31 9.09 10.62
CA ASN B 223 23.05 9.49 12.00
C ASN B 223 21.63 10.02 12.20
N LEU B 224 20.66 9.51 11.43
CA LEU B 224 19.28 9.89 11.68
C LEU B 224 18.74 9.26 12.95
N ILE B 225 19.21 8.07 13.28
CA ILE B 225 18.75 7.33 14.46
C ILE B 225 19.87 7.37 15.49
N THR B 226 19.59 8.01 16.64
CA THR B 226 20.56 8.15 17.72
C THR B 226 19.94 7.65 19.01
N ALA B 227 20.81 7.37 20.00
CA ALA B 227 20.41 6.59 21.18
C ALA B 227 19.24 7.21 21.94
N ASP B 228 19.17 8.54 22.00
CA ASP B 228 18.09 9.20 22.73
C ASP B 228 16.72 8.95 22.11
N MET B 229 16.67 8.52 20.85
CA MET B 229 15.40 8.22 20.17
C MET B 229 14.94 6.77 20.36
N ILE B 230 15.77 5.91 20.95
CA ILE B 230 15.47 4.50 21.10
C ILE B 230 15.15 4.20 22.56
N LYS B 231 14.11 3.41 22.79
CA LYS B 231 13.88 2.88 24.12
C LYS B 231 14.77 1.67 24.36
N GLU B 232 15.19 1.51 25.61
CA GLU B 232 16.10 0.43 25.97
C GLU B 232 15.52 -0.91 25.52
N GLY B 233 16.34 -1.69 24.81
CA GLY B 233 15.99 -3.04 24.43
C GLY B 233 15.23 -3.20 23.13
N ALA B 234 15.00 -2.12 22.38
CA ALA B 234 14.30 -2.22 21.10
C ALA B 234 15.23 -2.71 20.00
N ALA B 235 14.62 -3.25 18.95
CA ALA B 235 15.36 -3.70 17.77
C ALA B 235 15.45 -2.58 16.74
N VAL B 236 16.67 -2.29 16.30
CA VAL B 236 16.94 -1.23 15.33
C VAL B 236 17.53 -1.87 14.07
N ILE B 237 16.86 -1.67 12.94
CA ILE B 237 17.24 -2.31 11.68
C ILE B 237 17.60 -1.24 10.67
N ASP B 238 18.85 -1.25 10.20
CA ASP B 238 19.44 -0.15 9.44
C ASP B 238 19.43 -0.53 7.96
N VAL B 239 18.50 0.06 7.20
CA VAL B 239 18.40 -0.22 5.77
C VAL B 239 19.21 0.77 4.94
N GLY B 240 19.47 1.96 5.44
CA GLY B 240 20.24 2.92 4.68
C GLY B 240 21.67 2.44 4.47
N ILE B 241 22.25 2.87 3.33
CA ILE B 241 23.66 2.62 3.05
C ILE B 241 24.24 3.93 2.53
N ASN B 242 25.07 4.58 3.34
CA ASN B 242 25.52 5.94 3.08
C ASN B 242 27.03 5.95 2.88
N ARG B 243 27.47 6.60 1.80
CA ARG B 243 28.88 6.71 1.43
C ARG B 243 29.47 7.94 2.13
N VAL B 244 30.08 7.71 3.29
CA VAL B 244 30.59 8.80 4.15
C VAL B 244 31.84 8.35 4.93
N PRO B 252 36.65 8.29 3.78
CA PRO B 252 36.02 7.41 2.78
C PRO B 252 35.48 6.10 3.41
N LYS B 253 34.16 5.97 3.56
CA LYS B 253 33.60 4.87 4.33
C LYS B 253 32.13 4.67 3.96
N LEU B 254 31.57 3.54 4.39
CA LEU B 254 30.15 3.25 4.29
C LEU B 254 29.52 3.17 5.67
N VAL B 255 28.35 3.80 5.84
CA VAL B 255 27.59 3.76 7.08
C VAL B 255 26.10 3.69 6.71
N GLY B 256 25.29 3.34 7.69
CA GLY B 256 23.85 3.32 7.56
C GLY B 256 23.20 4.62 7.98
N ASP B 257 21.96 4.51 8.44
CA ASP B 257 21.22 5.63 9.01
C ASP B 257 21.42 5.76 10.52
N VAL B 258 21.82 4.68 11.18
CA VAL B 258 21.89 4.59 12.62
C VAL B 258 23.27 5.04 13.08
N ASP B 259 23.33 5.73 14.21
CA ASP B 259 24.59 5.92 14.91
C ASP B 259 24.91 4.59 15.58
N PHE B 260 25.68 3.75 14.90
CA PHE B 260 25.85 2.37 15.35
C PHE B 260 26.45 2.31 16.74
N GLU B 261 27.58 2.99 16.95
CA GLU B 261 28.30 2.83 18.21
C GLU B 261 27.44 3.28 19.39
N GLY B 262 26.75 4.41 19.23
CA GLY B 262 25.89 4.90 20.30
C GLY B 262 24.67 4.03 20.53
N VAL B 263 23.94 3.68 19.45
CA VAL B 263 22.68 2.96 19.63
C VAL B 263 22.96 1.53 20.11
N ARG B 264 24.14 1.00 19.81
CA ARG B 264 24.55 -0.31 20.30
C ARG B 264 24.46 -0.39 21.83
N GLN B 265 24.64 0.74 22.51
CA GLN B 265 24.60 0.75 23.97
C GLN B 265 23.19 0.73 24.54
N LYS B 266 22.15 1.05 23.75
CA LYS B 266 20.79 1.06 24.27
C LYS B 266 19.87 0.01 23.67
N ALA B 267 20.04 -0.33 22.40
CA ALA B 267 19.16 -1.29 21.76
C ALA B 267 19.36 -2.70 22.33
N GLY B 268 18.30 -3.52 22.22
CA GLY B 268 18.45 -4.94 22.44
C GLY B 268 19.03 -5.68 21.24
N TYR B 269 18.78 -5.17 20.03
CA TYR B 269 19.28 -5.73 18.79
C TYR B 269 19.61 -4.61 17.84
N ILE B 270 20.54 -4.86 16.92
CA ILE B 270 20.91 -3.85 15.94
C ILE B 270 21.54 -4.56 14.76
N THR B 271 21.38 -3.97 13.56
CA THR B 271 22.03 -4.53 12.38
C THR B 271 23.15 -3.60 11.96
N PRO B 272 24.28 -4.14 11.57
CA PRO B 272 25.40 -3.33 11.11
C PRO B 272 25.32 -3.02 9.62
N VAL B 273 26.06 -1.98 9.24
CA VAL B 273 26.23 -1.62 7.84
C VAL B 273 27.72 -1.46 7.63
N PRO B 274 28.36 -2.22 6.71
CA PRO B 274 27.76 -3.27 5.88
C PRO B 274 27.44 -4.58 6.62
N GLY B 275 27.08 -5.60 5.88
CA GLY B 275 26.87 -6.91 6.45
C GLY B 275 25.55 -7.09 7.14
N GLY B 276 24.61 -6.16 7.00
CA GLY B 276 23.32 -6.32 7.63
C GLY B 276 22.23 -6.67 6.64
N VAL B 277 21.47 -5.64 6.24
CA VAL B 277 20.34 -5.84 5.34
C VAL B 277 20.82 -6.19 3.94
N GLY B 278 21.98 -5.69 3.52
CA GLY B 278 22.47 -5.85 2.17
C GLY B 278 22.55 -7.28 1.71
N PRO B 279 23.30 -8.12 2.44
CA PRO B 279 23.38 -9.53 2.06
C PRO B 279 22.03 -10.23 2.13
N MET B 280 21.09 -9.70 2.90
CA MET B 280 19.74 -10.26 2.92
C MET B 280 18.98 -9.91 1.65
N THR B 281 19.18 -8.70 1.13
CA THR B 281 18.58 -8.35 -0.16
C THR B 281 18.97 -9.36 -1.23
N VAL B 282 20.27 -9.64 -1.35
CA VAL B 282 20.77 -10.60 -2.33
C VAL B 282 20.18 -11.99 -2.11
N ALA B 283 20.08 -12.41 -0.84
CA ALA B 283 19.55 -13.73 -0.51
C ALA B 283 18.08 -13.87 -0.92
N MET B 284 17.25 -12.87 -0.60
CA MET B 284 15.82 -13.00 -0.90
C MET B 284 15.55 -13.00 -2.40
N LEU B 285 16.41 -12.37 -3.18
CA LEU B 285 16.29 -12.43 -4.63
C LEU B 285 16.47 -13.87 -5.14
N MET B 286 17.38 -14.64 -4.51
CA MET B 286 17.50 -16.04 -4.88
C MET B 286 16.20 -16.80 -4.60
N LYS B 287 15.56 -16.56 -3.44
CA LYS B 287 14.25 -17.16 -3.18
C LYS B 287 13.27 -16.84 -4.30
N ASN B 288 13.17 -15.56 -4.69
CA ASN B 288 12.24 -15.16 -5.75
C ASN B 288 12.55 -15.81 -7.08
N THR B 289 13.84 -16.05 -7.37
CA THR B 289 14.19 -16.60 -8.66
C THR B 289 13.75 -18.04 -8.79
N ILE B 290 13.92 -18.85 -7.73
CA ILE B 290 13.45 -20.24 -7.79
C ILE B 290 11.93 -20.29 -7.78
N ILE B 291 11.27 -19.39 -7.04
CA ILE B 291 9.82 -19.22 -7.15
C ILE B 291 9.41 -18.96 -8.60
N ALA B 292 10.13 -18.06 -9.28
CA ALA B 292 9.78 -17.74 -10.65
C ALA B 292 9.99 -18.93 -11.56
N ALA B 293 11.08 -19.67 -11.36
CA ALA B 293 11.34 -20.82 -12.21
C ALA B 293 10.25 -21.87 -12.06
N LYS B 294 9.71 -22.03 -10.85
CA LYS B 294 8.66 -22.99 -10.58
C LYS B 294 7.30 -22.54 -11.13
N LYS B 295 7.17 -21.27 -11.53
CA LYS B 295 5.93 -20.73 -12.10
C LYS B 295 4.75 -20.97 -11.17
N VAL B 296 4.99 -20.84 -9.86
CA VAL B 296 3.99 -21.10 -8.84
C VAL B 296 2.83 -20.11 -8.97
N LEU B 297 3.12 -18.88 -9.40
CA LEU B 297 2.19 -17.75 -9.36
C LEU B 297 1.57 -17.41 -10.72
#